data_3GP1
#
_entry.id   3GP1
#
_cell.length_a   45.613
_cell.length_b   92.845
_cell.length_c   105.019
_cell.angle_alpha   90.000
_cell.angle_beta   90.000
_cell.angle_gamma   90.000
#
_symmetry.space_group_name_H-M   'P 21 21 21'
#
loop_
_entity.id
_entity.type
_entity.pdbx_description
1 polymer 'DNA glycosylase'
2 polymer "5'-D(*AP*GP*GP*TP*AP*GP*AP*TP*CP*CP*GP*GP*AP*CP*GP*CP**C)-3'"
3 polymer "5'-D(P*TP*GP*CP*GP*TP*CP*CP*(8OG)P*GP*AP*TP*CP*TP*AP*CP*C)-3'"
4 non-polymer 'ZINC ION'
5 water water
#
loop_
_entity_poly.entity_id
_entity_poly.type
_entity_poly.pdbx_seq_one_letter_code
_entity_poly.pdbx_strand_id
1 'polypeptide(L)'
;PELPEVETIRRTLLPLIVGKTIEDVRIFWPNIIRHPRDSEAFAARMIGQTVRGLERRGKFLKFLLDRDALISHLRMEGRY
AVASALEPLEPHTHVVFCFTDGSELRYRDVRKFGTMHVYAKEEADRRPPLAELGPEPLSPAFSPAVLAERAVKTKRSVKA
LLLDCTVVAGFGNIYVDESLFRAGILPGRPAASLSSKEIERLHEEMVATIGEAVMKGGSTPRTYVNTQGEAGTFQHHLYV
YGRQGNPCKRCGTPIEKTVVAGRGTHYCPRCQR
;
A
2 'polydeoxyribonucleotide' (DA)(DG)(DG)(DT)(DA)(DG)(DA)(DT)(DC)(DC)(DG)(DG)(DA)(DC)(DG)(DC) B
3 'polydeoxyribonucleotide' (DT)(DG)(DC)(DG)(DT)(DC)(DC)(8OG)(DG)(DA)(DT)(DC)(DT)(DA)(DC) C
#
loop_
_chem_comp.id
_chem_comp.type
_chem_comp.name
_chem_comp.formula
8OG DNA linking 8-OXO-2'-DEOXY-GUANOSINE-5'-MONOPHOSPHATE 'C10 H14 N5 O8 P'
DA DNA linking 2'-DEOXYADENOSINE-5'-MONOPHOSPHATE 'C10 H14 N5 O6 P'
DC DNA linking 2'-DEOXYCYTIDINE-5'-MONOPHOSPHATE 'C9 H14 N3 O7 P'
DG DNA linking 2'-DEOXYGUANOSINE-5'-MONOPHOSPHATE 'C10 H14 N5 O7 P'
DT DNA linking THYMIDINE-5'-MONOPHOSPHATE 'C10 H15 N2 O8 P'
ZN non-polymer 'ZINC ION' 'Zn 2'
#
# COMPACT_ATOMS: atom_id res chain seq x y z
N PRO A 1 0.41 5.47 -4.77
CA PRO A 1 0.12 6.05 -3.46
C PRO A 1 0.63 5.18 -2.29
N GLU A 2 1.19 5.83 -1.27
CA GLU A 2 1.64 5.16 -0.04
C GLU A 2 0.45 4.91 0.89
N LEU A 3 0.66 4.13 1.94
CA LEU A 3 -0.42 3.71 2.85
C LEU A 3 -1.31 4.86 3.39
N PRO A 4 -0.70 5.97 3.88
CA PRO A 4 -1.53 7.07 4.33
C PRO A 4 -2.45 7.63 3.22
N GLU A 5 -1.95 7.68 1.97
CA GLU A 5 -2.72 8.16 0.84
C GLU A 5 -3.85 7.17 0.51
N VAL A 6 -3.56 5.88 0.59
CA VAL A 6 -4.61 4.86 0.36
C VAL A 6 -5.74 5.02 1.41
N GLU A 7 -5.38 5.27 2.65
CA GLU A 7 -6.37 5.56 3.70
C GLU A 7 -7.24 6.78 3.38
N THR A 8 -6.62 7.86 2.88
CA THR A 8 -7.38 9.04 2.40
C THR A 8 -8.32 8.72 1.24
N ILE A 9 -7.84 7.94 0.28
CA ILE A 9 -8.69 7.49 -0.82
C ILE A 9 -9.86 6.67 -0.29
N ARG A 10 -9.58 5.71 0.59
CA ARG A 10 -10.63 4.91 1.20
C ARG A 10 -11.71 5.78 1.82
N ARG A 11 -11.29 6.71 2.67
CA ARG A 11 -12.22 7.60 3.38
C ARG A 11 -13.04 8.50 2.44
N THR A 12 -12.40 9.00 1.39
CA THR A 12 -13.05 9.96 0.53
C THR A 12 -13.86 9.30 -0.59
N LEU A 13 -13.40 8.15 -1.07
CA LEU A 13 -14.12 7.43 -2.13
C LEU A 13 -15.45 6.85 -1.65
N LEU A 14 -15.47 6.30 -0.43
CA LEU A 14 -16.66 5.62 0.09
C LEU A 14 -18.02 6.34 -0.09
N PRO A 15 -18.16 7.58 0.43
CA PRO A 15 -19.44 8.26 0.26
C PRO A 15 -19.81 8.52 -1.20
N LEU A 16 -18.83 8.50 -2.11
CA LEU A 16 -19.08 8.79 -3.53
C LEU A 16 -19.54 7.56 -4.31
N ILE A 17 -19.44 6.40 -3.69
CA ILE A 17 -19.87 5.18 -4.38
C ILE A 17 -20.81 4.29 -3.59
N VAL A 18 -20.94 4.51 -2.28
CA VAL A 18 -21.76 3.59 -1.48
C VAL A 18 -23.21 3.62 -1.96
N GLY A 19 -23.82 2.44 -2.04
CA GLY A 19 -25.22 2.30 -2.44
C GLY A 19 -25.47 2.38 -3.95
N LYS A 20 -24.42 2.60 -4.74
CA LYS A 20 -24.57 2.61 -6.21
C LYS A 20 -24.51 1.19 -6.77
N THR A 21 -25.26 0.92 -7.83
CA THR A 21 -25.39 -0.42 -8.42
C THR A 21 -24.64 -0.46 -9.76
N ILE A 22 -23.79 -1.46 -9.94
CA ILE A 22 -23.03 -1.62 -11.16
C ILE A 22 -23.90 -2.06 -12.29
N GLU A 23 -23.86 -1.29 -13.37
CA GLU A 23 -24.63 -1.66 -14.56
C GLU A 23 -23.73 -2.22 -15.67
N ASP A 24 -22.45 -1.82 -15.70
CA ASP A 24 -21.53 -2.37 -16.70
C ASP A 24 -20.15 -2.27 -16.12
N VAL A 25 -19.23 -3.06 -16.65
CA VAL A 25 -17.82 -2.92 -16.32
C VAL A 25 -17.06 -2.96 -17.61
N ARG A 26 -16.29 -1.91 -17.88
CA ARG A 26 -15.55 -1.82 -19.13
C ARG A 26 -14.05 -1.91 -18.89
N ILE A 27 -13.41 -2.79 -19.65
CA ILE A 27 -12.00 -3.12 -19.39
C ILE A 27 -11.22 -2.82 -20.67
N PHE A 28 -10.30 -1.87 -20.59
CA PHE A 28 -9.50 -1.46 -21.74
C PHE A 28 -8.09 -2.04 -21.75
N TRP A 29 -7.63 -2.55 -20.61
CA TRP A 29 -6.36 -3.29 -20.50
C TRP A 29 -6.60 -4.53 -19.64
N PRO A 30 -6.92 -5.68 -20.27
CA PRO A 30 -7.33 -6.90 -19.56
C PRO A 30 -6.30 -7.40 -18.52
N ASN A 31 -5.01 -7.13 -18.74
CA ASN A 31 -3.95 -7.57 -17.81
C ASN A 31 -4.02 -7.05 -16.38
N ILE A 32 -4.73 -5.93 -16.16
CA ILE A 32 -5.01 -5.42 -14.81
C ILE A 32 -5.78 -6.49 -13.99
N ILE A 33 -6.71 -7.18 -14.62
CA ILE A 33 -7.53 -8.20 -13.97
C ILE A 33 -6.72 -9.45 -13.71
N ARG A 34 -6.55 -9.80 -12.44
CA ARG A 34 -5.78 -10.97 -12.06
C ARG A 34 -6.64 -12.16 -11.61
N HIS A 35 -7.80 -11.88 -11.03
CA HIS A 35 -8.78 -12.94 -10.74
C HIS A 35 -10.21 -12.42 -10.87
N PRO A 36 -11.12 -13.18 -11.55
CA PRO A 36 -10.94 -14.38 -12.38
C PRO A 36 -9.91 -14.09 -13.50
N ARG A 37 -9.26 -15.13 -14.01
CA ARG A 37 -8.24 -14.91 -15.05
C ARG A 37 -8.82 -14.31 -16.34
N ASP A 38 -10.05 -14.69 -16.67
CA ASP A 38 -10.77 -14.12 -17.80
C ASP A 38 -11.41 -12.78 -17.44
N SER A 39 -11.02 -11.70 -18.12
CA SER A 39 -11.54 -10.39 -17.75
C SER A 39 -13.05 -10.24 -18.09
N GLU A 40 -13.53 -11.06 -19.03
CA GLU A 40 -14.96 -11.14 -19.37
C GLU A 40 -15.77 -11.70 -18.18
N ALA A 41 -15.20 -12.69 -17.49
CA ALA A 41 -15.82 -13.25 -16.28
C ALA A 41 -15.85 -12.21 -15.17
N PHE A 42 -14.74 -11.48 -15.01
CA PHE A 42 -14.62 -10.39 -14.04
C PHE A 42 -15.75 -9.38 -14.27
N ALA A 43 -15.89 -8.90 -15.49
CA ALA A 43 -16.92 -7.90 -15.80
C ALA A 43 -18.32 -8.46 -15.56
N ALA A 44 -18.57 -9.69 -16.04
CA ALA A 44 -19.89 -10.30 -15.96
C ALA A 44 -20.38 -10.48 -14.50
N ARG A 45 -19.46 -10.88 -13.61
CA ARG A 45 -19.88 -11.21 -12.26
C ARG A 45 -20.24 -9.96 -11.42
N MET A 46 -19.63 -8.83 -11.74
CA MET A 46 -19.89 -7.61 -10.96
C MET A 46 -21.21 -6.92 -11.32
N ILE A 47 -21.70 -7.17 -12.53
CA ILE A 47 -22.95 -6.51 -12.99
C ILE A 47 -24.11 -6.83 -12.06
N GLY A 48 -24.82 -5.79 -11.63
CA GLY A 48 -25.98 -5.98 -10.76
C GLY A 48 -25.68 -5.90 -9.29
N GLN A 49 -24.40 -5.89 -8.89
CA GLN A 49 -24.07 -5.76 -7.49
C GLN A 49 -24.01 -4.29 -7.09
N THR A 50 -24.42 -4.03 -5.86
CA THR A 50 -24.34 -2.70 -5.26
C THR A 50 -23.11 -2.62 -4.36
N VAL A 51 -22.44 -1.48 -4.39
CA VAL A 51 -21.35 -1.18 -3.43
C VAL A 51 -21.86 -0.96 -2.00
N ARG A 52 -21.30 -1.73 -1.07
CA ARG A 52 -21.75 -1.70 0.32
C ARG A 52 -20.71 -1.09 1.27
N GLY A 53 -19.43 -1.23 0.95
CA GLY A 53 -18.39 -0.70 1.83
C GLY A 53 -17.05 -0.61 1.14
N LEU A 54 -16.08 -0.02 1.84
CA LEU A 54 -14.73 0.11 1.32
C LEU A 54 -13.78 0.08 2.50
N GLU A 55 -12.91 -0.93 2.49
CA GLU A 55 -11.91 -1.17 3.50
C GLU A 55 -10.50 -1.10 2.91
N ARG A 56 -9.49 -1.08 3.79
CA ARG A 56 -8.11 -1.03 3.37
C ARG A 56 -7.35 -2.07 4.16
N ARG A 57 -6.46 -2.82 3.49
CA ARG A 57 -5.56 -3.74 4.18
C ARG A 57 -4.19 -3.46 3.58
N GLY A 58 -3.26 -2.91 4.37
CA GLY A 58 -2.01 -2.42 3.80
C GLY A 58 -2.27 -1.36 2.73
N LYS A 59 -1.70 -1.52 1.55
CA LYS A 59 -2.02 -0.61 0.45
C LYS A 59 -3.16 -1.10 -0.48
N PHE A 60 -3.80 -2.22 -0.11
CA PHE A 60 -4.95 -2.74 -0.88
C PHE A 60 -6.25 -2.06 -0.45
N LEU A 61 -7.10 -1.73 -1.43
CA LEU A 61 -8.47 -1.30 -1.17
C LEU A 61 -9.37 -2.51 -1.39
N LYS A 62 -10.28 -2.75 -0.47
CA LYS A 62 -11.24 -3.85 -0.59
C LYS A 62 -12.63 -3.25 -0.77
N PHE A 63 -13.13 -3.28 -2.00
CA PHE A 63 -14.49 -2.80 -2.27
C PHE A 63 -15.45 -3.95 -1.92
N LEU A 64 -16.39 -3.70 -1.01
CA LEU A 64 -17.32 -4.75 -0.62
C LEU A 64 -18.64 -4.57 -1.36
N LEU A 65 -19.07 -5.60 -2.09
CA LEU A 65 -20.29 -5.50 -2.88
C LEU A 65 -21.32 -6.42 -2.22
N ASP A 66 -22.33 -6.83 -2.94
CA ASP A 66 -23.38 -7.68 -2.40
C ASP A 66 -22.83 -9.05 -2.07
N ARG A 67 -22.25 -9.70 -3.07
CA ARG A 67 -21.71 -11.05 -2.92
C ARG A 67 -20.17 -11.08 -2.93
N ASP A 68 -19.57 -10.18 -3.69
CA ASP A 68 -18.14 -10.20 -3.98
C ASP A 68 -17.39 -9.06 -3.26
N ALA A 69 -16.07 -9.26 -3.13
CA ALA A 69 -15.13 -8.21 -2.77
C ALA A 69 -14.21 -8.00 -3.99
N LEU A 70 -14.01 -6.73 -4.34
CA LEU A 70 -13.02 -6.36 -5.34
C LEU A 70 -11.77 -5.85 -4.59
N ILE A 71 -10.65 -6.53 -4.80
CA ILE A 71 -9.40 -6.18 -4.13
C ILE A 71 -8.52 -5.45 -5.14
N SER A 72 -8.17 -4.19 -4.84
CA SER A 72 -7.49 -3.34 -5.83
C SER A 72 -6.13 -2.83 -5.24
N HIS A 73 -5.07 -2.85 -6.03
CA HIS A 73 -3.80 -2.22 -5.69
C HIS A 73 -3.44 -1.22 -6.78
N LEU A 74 -3.20 0.02 -6.39
CA LEU A 74 -2.85 1.10 -7.32
C LEU A 74 -1.34 1.22 -7.68
N ARG A 75 -0.49 0.54 -6.91
CA ARG A 75 0.96 0.68 -7.00
C ARG A 75 1.34 2.16 -6.92
N MET A 76 2.31 2.60 -7.71
CA MET A 76 2.82 3.97 -7.54
C MET A 76 1.93 5.06 -8.11
N GLU A 77 1.27 4.78 -9.22
CA GLU A 77 0.62 5.85 -9.98
C GLU A 77 -0.88 5.68 -10.28
N GLY A 78 -1.47 4.59 -9.82
CA GLY A 78 -2.91 4.33 -10.04
C GLY A 78 -3.76 5.35 -9.29
N ARG A 79 -4.92 5.70 -9.86
CA ARG A 79 -5.82 6.66 -9.25
C ARG A 79 -7.24 6.25 -9.57
N TYR A 80 -8.16 6.50 -8.64
CA TYR A 80 -9.60 6.34 -8.81
C TYR A 80 -10.25 7.69 -8.92
N ALA A 81 -11.32 7.78 -9.71
CA ALA A 81 -12.10 9.03 -9.81
C ALA A 81 -13.54 8.62 -10.04
N VAL A 82 -14.48 9.42 -9.55
CA VAL A 82 -15.90 9.21 -9.80
C VAL A 82 -16.38 10.40 -10.64
N ALA A 83 -17.03 10.13 -11.77
CA ALA A 83 -17.38 11.21 -12.72
C ALA A 83 -18.54 10.79 -13.58
N SER A 84 -19.04 11.70 -14.41
CA SER A 84 -20.17 11.42 -15.27
C SER A 84 -19.83 10.52 -16.48
N ALA A 85 -20.70 9.56 -16.80
CA ALA A 85 -20.60 8.79 -18.05
C ALA A 85 -20.73 9.68 -19.31
N LEU A 86 -21.20 10.93 -19.16
CA LEU A 86 -21.41 11.80 -20.33
C LEU A 86 -20.14 12.48 -20.79
N GLU A 87 -19.12 12.45 -19.93
CA GLU A 87 -17.90 13.24 -20.16
C GLU A 87 -16.76 12.35 -20.65
N PRO A 88 -15.80 12.91 -21.42
CA PRO A 88 -14.76 12.04 -21.96
C PRO A 88 -13.87 11.48 -20.83
N LEU A 89 -13.35 10.27 -21.01
CA LEU A 89 -12.46 9.67 -20.03
C LEU A 89 -11.10 10.36 -20.03
N GLU A 90 -10.44 10.43 -18.88
CA GLU A 90 -9.07 10.91 -18.78
C GLU A 90 -8.12 9.95 -19.50
N PRO A 91 -6.95 10.45 -19.95
CA PRO A 91 -5.97 9.54 -20.54
C PRO A 91 -5.58 8.43 -19.55
N HIS A 92 -5.18 7.27 -20.09
CA HIS A 92 -4.70 6.11 -19.32
C HIS A 92 -5.76 5.46 -18.41
N THR A 93 -7.04 5.55 -18.80
CA THR A 93 -8.12 4.90 -18.04
C THR A 93 -8.22 3.48 -18.52
N HIS A 94 -8.07 2.52 -17.58
CA HIS A 94 -7.98 1.10 -17.95
C HIS A 94 -9.19 0.27 -17.58
N VAL A 95 -9.94 0.72 -16.56
CA VAL A 95 -11.13 -0.02 -16.07
C VAL A 95 -12.15 1.01 -15.60
N VAL A 96 -13.39 0.82 -16.01
CA VAL A 96 -14.50 1.71 -15.58
C VAL A 96 -15.64 0.85 -15.08
N PHE A 97 -16.13 1.19 -13.89
CA PHE A 97 -17.35 0.59 -13.39
C PHE A 97 -18.45 1.64 -13.62
N CYS A 98 -19.42 1.29 -14.45
CA CYS A 98 -20.58 2.16 -14.70
C CYS A 98 -21.73 1.88 -13.73
N PHE A 99 -22.25 2.92 -13.11
CA PHE A 99 -23.36 2.77 -12.17
C PHE A 99 -24.66 3.12 -12.86
N THR A 100 -25.78 2.65 -12.32
CA THR A 100 -27.11 2.85 -12.90
C THR A 100 -27.55 4.32 -12.85
N ASP A 101 -26.83 5.13 -12.08
CA ASP A 101 -27.13 6.56 -11.94
C ASP A 101 -26.41 7.47 -12.92
N GLY A 102 -25.70 6.88 -13.87
CA GLY A 102 -25.02 7.69 -14.88
C GLY A 102 -23.62 8.12 -14.43
N SER A 103 -23.23 7.77 -13.20
CA SER A 103 -21.84 7.98 -12.75
C SER A 103 -20.96 6.76 -12.96
N GLU A 104 -19.65 6.92 -12.81
CA GLU A 104 -18.69 5.86 -13.09
C GLU A 104 -17.58 5.93 -12.09
N LEU A 105 -17.04 4.79 -11.69
CA LEU A 105 -15.82 4.77 -10.90
C LEU A 105 -14.72 4.39 -11.91
N ARG A 106 -13.75 5.27 -12.12
CA ARG A 106 -12.75 5.04 -13.15
C ARG A 106 -11.40 4.76 -12.53
N TYR A 107 -10.72 3.77 -13.06
CA TYR A 107 -9.35 3.47 -12.68
C TYR A 107 -8.40 3.87 -13.80
N ARG A 108 -7.46 4.75 -13.49
CA ARG A 108 -6.44 5.15 -14.46
C ARG A 108 -5.05 4.97 -13.86
N ASP A 109 -4.06 4.76 -14.73
CA ASP A 109 -2.68 4.47 -14.31
C ASP A 109 -1.78 4.58 -15.54
N VAL A 110 -0.99 5.63 -15.61
CA VAL A 110 -0.01 5.77 -16.71
C VAL A 110 0.96 4.55 -16.82
N ARG A 111 1.25 3.92 -15.69
CA ARG A 111 2.24 2.86 -15.62
C ARG A 111 1.58 1.52 -15.93
N LYS A 112 0.25 1.52 -15.89
CA LYS A 112 -0.54 0.36 -16.22
C LYS A 112 -0.08 -0.81 -15.34
N PHE A 113 0.13 -0.55 -14.05
CA PHE A 113 0.89 -1.46 -13.17
C PHE A 113 0.04 -2.02 -12.02
N GLY A 114 -1.18 -1.51 -11.86
CA GLY A 114 -2.06 -1.96 -10.77
C GLY A 114 -2.71 -3.32 -10.99
N THR A 115 -3.37 -3.83 -9.97
CA THR A 115 -4.00 -5.18 -10.05
C THR A 115 -5.40 -5.14 -9.46
N MET A 116 -6.27 -6.02 -9.99
CA MET A 116 -7.61 -6.23 -9.47
C MET A 116 -7.92 -7.71 -9.38
N HIS A 117 -8.44 -8.14 -8.23
CA HIS A 117 -8.89 -9.53 -7.98
C HIS A 117 -10.30 -9.46 -7.43
N VAL A 118 -11.18 -10.31 -7.92
CA VAL A 118 -12.55 -10.42 -7.39
C VAL A 118 -12.80 -11.86 -6.91
N TYR A 119 -13.32 -12.01 -5.69
CA TYR A 119 -13.68 -13.31 -5.13
C TYR A 119 -14.96 -13.08 -4.31
N ALA A 120 -15.70 -14.14 -4.02
CA ALA A 120 -16.72 -14.07 -2.98
C ALA A 120 -16.13 -13.44 -1.73
N LYS A 121 -16.90 -12.57 -1.08
CA LYS A 121 -16.42 -11.82 0.09
C LYS A 121 -15.71 -12.71 1.10
N GLU A 122 -16.32 -13.85 1.40
CA GLU A 122 -15.83 -14.75 2.44
C GLU A 122 -14.49 -15.44 2.08
N GLU A 123 -14.14 -15.41 0.80
CA GLU A 123 -12.90 -16.04 0.30
C GLU A 123 -11.73 -15.02 0.23
N ALA A 124 -12.05 -13.73 0.11
CA ALA A 124 -11.03 -12.72 -0.23
C ALA A 124 -9.81 -12.77 0.70
N ASP A 125 -10.05 -12.93 2.00
CA ASP A 125 -8.97 -12.89 2.98
C ASP A 125 -8.04 -14.11 2.92
N ARG A 126 -8.49 -15.23 2.36
CA ARG A 126 -7.61 -16.42 2.22
C ARG A 126 -7.08 -16.72 0.82
N ARG A 127 -7.14 -15.73 -0.06
CA ARG A 127 -6.66 -15.88 -1.44
C ARG A 127 -5.70 -14.76 -1.75
N PRO A 128 -4.91 -14.91 -2.83
CA PRO A 128 -4.08 -13.78 -3.25
C PRO A 128 -4.98 -12.60 -3.64
N PRO A 129 -4.54 -11.37 -3.41
CA PRO A 129 -3.28 -10.90 -2.81
C PRO A 129 -3.31 -10.70 -1.29
N LEU A 130 -4.43 -10.99 -0.64
CA LEU A 130 -4.56 -10.67 0.80
C LEU A 130 -4.03 -11.77 1.71
N ALA A 131 -4.05 -13.00 1.23
CA ALA A 131 -3.55 -14.13 1.99
C ALA A 131 -2.10 -13.85 2.38
N GLU A 132 -1.77 -14.11 3.63
CA GLU A 132 -0.40 -13.98 4.15
C GLU A 132 0.01 -12.54 4.49
N LEU A 133 -0.83 -11.56 4.14
CA LEU A 133 -0.52 -10.17 4.47
C LEU A 133 -0.33 -10.00 5.99
N GLY A 134 0.78 -9.36 6.38
CA GLY A 134 1.07 -9.15 7.79
C GLY A 134 0.14 -8.14 8.44
N PRO A 135 0.30 -7.88 9.75
CA PRO A 135 -0.59 -7.00 10.51
C PRO A 135 -0.48 -5.52 10.11
N GLU A 136 -1.57 -4.77 10.32
CA GLU A 136 -1.57 -3.33 10.10
C GLU A 136 -0.53 -2.68 11.02
N PRO A 137 0.29 -1.77 10.48
CA PRO A 137 1.36 -1.18 11.29
C PRO A 137 0.81 -0.35 12.46
N LEU A 138 -0.43 0.14 12.34
CA LEU A 138 -1.04 0.93 13.41
C LEU A 138 -1.92 0.11 14.35
N SER A 139 -1.94 -1.21 14.19
CA SER A 139 -2.75 -2.05 15.06
C SER A 139 -1.91 -2.64 16.19
N PRO A 140 -2.55 -2.98 17.33
CA PRO A 140 -1.81 -3.67 18.39
C PRO A 140 -1.24 -5.02 17.94
N ALA A 141 -1.75 -5.57 16.84
CA ALA A 141 -1.21 -6.83 16.30
C ALA A 141 0.23 -6.66 15.77
N PHE A 142 0.61 -5.43 15.42
CA PHE A 142 2.01 -5.13 15.12
C PHE A 142 2.70 -4.61 16.38
N SER A 143 3.45 -5.48 17.03
CA SER A 143 4.07 -5.16 18.31
C SER A 143 5.57 -5.42 18.21
N PRO A 144 6.35 -4.91 19.18
CA PRO A 144 7.78 -5.15 19.17
C PRO A 144 8.12 -6.64 19.24
N ALA A 145 7.34 -7.40 20.01
CA ALA A 145 7.56 -8.85 20.15
C ALA A 145 7.45 -9.56 18.80
N VAL A 146 6.43 -9.16 18.02
CA VAL A 146 6.19 -9.71 16.69
C VAL A 146 7.34 -9.34 15.74
N LEU A 147 7.74 -8.08 15.75
CA LEU A 147 8.89 -7.65 14.98
C LEU A 147 10.17 -8.41 15.40
N ALA A 148 10.39 -8.56 16.71
CA ALA A 148 11.60 -9.25 17.22
C ALA A 148 11.68 -10.73 16.82
N GLU A 149 10.52 -11.40 16.85
CA GLU A 149 10.38 -12.81 16.46
C GLU A 149 10.77 -13.02 14.98
N ARG A 150 10.29 -12.13 14.11
CA ARG A 150 10.65 -12.19 12.70
C ARG A 150 12.13 -11.87 12.47
N ALA A 151 12.64 -10.86 13.18
CA ALA A 151 14.04 -10.42 13.01
C ALA A 151 15.07 -11.49 13.36
N VAL A 152 14.85 -12.22 14.46
CA VAL A 152 15.83 -13.23 14.90
C VAL A 152 15.97 -14.43 13.95
N LYS A 153 14.87 -14.76 13.27
CA LYS A 153 14.75 -15.93 12.40
C LYS A 153 15.39 -15.77 11.01
N THR A 154 15.79 -14.56 10.65
CA THR A 154 16.20 -14.27 9.27
C THR A 154 17.67 -13.87 9.14
N LYS A 155 18.24 -14.14 7.98
CA LYS A 155 19.58 -13.67 7.68
C LYS A 155 19.58 -12.31 6.95
N ARG A 156 18.39 -11.86 6.56
CA ARG A 156 18.22 -10.64 5.76
C ARG A 156 18.51 -9.36 6.54
N SER A 157 18.72 -8.26 5.82
CA SER A 157 18.88 -6.94 6.45
C SER A 157 17.58 -6.48 7.11
N VAL A 158 17.68 -5.51 8.00
CA VAL A 158 16.49 -4.94 8.64
C VAL A 158 15.57 -4.27 7.59
N LYS A 159 16.14 -3.63 6.57
CA LYS A 159 15.31 -3.03 5.50
C LYS A 159 14.55 -4.10 4.72
N ALA A 160 15.22 -5.18 4.33
CA ALA A 160 14.52 -6.26 3.66
C ALA A 160 13.34 -6.77 4.50
N LEU A 161 13.54 -6.90 5.79
CA LEU A 161 12.50 -7.40 6.70
C LEU A 161 11.29 -6.48 6.67
N LEU A 162 11.54 -5.18 6.74
CA LEU A 162 10.45 -4.22 6.83
C LEU A 162 9.68 -4.08 5.55
N LEU A 163 10.35 -4.38 4.43
CA LEU A 163 9.72 -4.33 3.11
C LEU A 163 8.85 -5.57 2.86
N ASP A 164 9.00 -6.60 3.68
CA ASP A 164 8.24 -7.86 3.55
C ASP A 164 6.79 -7.67 3.99
N CYS A 165 5.86 -7.76 3.03
CA CYS A 165 4.42 -7.61 3.30
C CYS A 165 3.85 -8.65 4.28
N THR A 166 4.56 -9.77 4.48
CA THR A 166 4.11 -10.72 5.51
C THR A 166 4.54 -10.31 6.91
N VAL A 167 5.47 -9.36 7.01
CA VAL A 167 5.92 -8.89 8.32
C VAL A 167 4.97 -7.79 8.83
N VAL A 168 4.65 -6.86 7.94
CA VAL A 168 3.83 -5.69 8.24
C VAL A 168 3.22 -5.21 6.93
N ALA A 169 1.94 -4.89 6.96
CA ALA A 169 1.20 -4.63 5.74
C ALA A 169 1.47 -3.24 5.14
N GLY A 170 2.00 -3.20 3.93
CA GLY A 170 2.01 -1.94 3.13
C GLY A 170 2.92 -0.82 3.63
N PHE A 171 4.03 -1.17 4.27
CA PHE A 171 5.03 -0.20 4.70
C PHE A 171 5.97 0.06 3.52
N GLY A 172 5.80 1.17 2.83
CA GLY A 172 6.55 1.33 1.57
C GLY A 172 8.02 1.76 1.74
N ASN A 173 8.76 1.78 0.63
CA ASN A 173 10.18 2.18 0.62
C ASN A 173 10.42 3.50 1.37
N ILE A 174 9.59 4.51 1.11
CA ILE A 174 9.80 5.83 1.72
C ILE A 174 9.70 5.77 3.25
N TYR A 175 8.70 5.06 3.76
CA TYR A 175 8.49 4.98 5.20
C TYR A 175 9.52 4.08 5.91
N VAL A 176 9.97 3.03 5.24
CA VAL A 176 11.10 2.24 5.74
C VAL A 176 12.33 3.13 5.96
N ASP A 177 12.77 3.88 4.95
CA ASP A 177 13.97 4.72 5.08
C ASP A 177 13.77 5.80 6.17
N GLU A 178 12.62 6.48 6.16
CA GLU A 178 12.36 7.53 7.15
C GLU A 178 12.33 6.95 8.58
N SER A 179 11.68 5.81 8.76
CA SER A 179 11.58 5.17 10.09
C SER A 179 12.94 4.70 10.58
N LEU A 180 13.75 4.15 9.68
CA LEU A 180 15.09 3.71 10.07
C LEU A 180 15.98 4.89 10.45
N PHE A 181 15.85 6.00 9.71
CA PHE A 181 16.55 7.24 10.09
C PHE A 181 16.12 7.69 11.50
N ARG A 182 14.81 7.77 11.74
CA ARG A 182 14.31 8.23 13.06
C ARG A 182 14.67 7.33 14.25
N ALA A 183 14.84 6.04 13.97
CA ALA A 183 15.26 5.03 14.94
C ALA A 183 16.80 4.96 15.14
N GLY A 184 17.57 5.62 14.28
CA GLY A 184 19.04 5.62 14.36
C GLY A 184 19.65 4.29 13.93
N ILE A 185 18.98 3.61 13.00
CA ILE A 185 19.39 2.26 12.56
C ILE A 185 19.77 2.24 11.05
N LEU A 186 20.97 1.72 10.74
CA LEU A 186 21.40 1.55 9.34
C LEU A 186 20.54 0.51 8.62
N PRO A 187 20.10 0.82 7.39
CA PRO A 187 19.16 -0.07 6.68
C PRO A 187 19.82 -1.41 6.27
N GLY A 188 21.15 -1.41 6.12
CA GLY A 188 21.87 -2.63 5.77
C GLY A 188 22.23 -3.55 6.93
N ARG A 189 21.96 -3.14 8.17
CA ARG A 189 22.16 -4.00 9.35
C ARG A 189 21.40 -5.32 9.19
N PRO A 190 22.03 -6.47 9.55
CA PRO A 190 21.25 -7.73 9.65
C PRO A 190 20.15 -7.55 10.70
N ALA A 191 18.93 -8.01 10.38
CA ALA A 191 17.77 -7.83 11.26
C ALA A 191 18.05 -8.52 12.59
N ALA A 192 18.75 -9.65 12.52
CA ALA A 192 19.10 -10.43 13.72
C ALA A 192 20.13 -9.73 14.60
N SER A 193 20.75 -8.65 14.11
CA SER A 193 21.74 -7.91 14.92
C SER A 193 21.11 -6.83 15.81
N LEU A 194 19.83 -6.53 15.60
CA LEU A 194 19.17 -5.49 16.40
C LEU A 194 19.01 -5.94 17.84
N SER A 195 19.41 -5.08 18.79
CA SER A 195 19.12 -5.34 20.21
C SER A 195 17.61 -5.22 20.48
N SER A 196 17.19 -5.67 21.66
CA SER A 196 15.81 -5.47 22.15
C SER A 196 15.46 -3.99 22.18
N LYS A 197 16.40 -3.18 22.66
CA LYS A 197 16.25 -1.71 22.67
C LYS A 197 16.05 -1.14 21.26
N GLU A 198 16.80 -1.64 20.28
CA GLU A 198 16.69 -1.13 18.91
C GLU A 198 15.38 -1.52 18.28
N ILE A 199 14.94 -2.76 18.51
CA ILE A 199 13.68 -3.25 17.99
C ILE A 199 12.51 -2.42 18.53
N GLU A 200 12.53 -2.15 19.82
CA GLU A 200 11.52 -1.31 20.46
C GLU A 200 11.49 0.11 19.89
N ARG A 201 12.66 0.74 19.76
CA ARG A 201 12.76 2.06 19.15
C ARG A 201 12.25 2.08 17.67
N LEU A 202 12.61 1.04 16.91
CA LEU A 202 12.22 0.93 15.50
C LEU A 202 10.69 0.79 15.40
N HIS A 203 10.10 -0.02 16.26
CA HIS A 203 8.66 -0.18 16.24
C HIS A 203 8.02 1.17 16.56
N GLU A 204 8.53 1.85 17.58
CA GLU A 204 8.05 3.17 17.98
C GLU A 204 8.06 4.16 16.80
N GLU A 205 9.19 4.24 16.10
CA GLU A 205 9.33 5.19 15.01
C GLU A 205 8.48 4.82 13.82
N MET A 206 8.33 3.52 13.56
CA MET A 206 7.48 3.05 12.48
C MET A 206 6.05 3.53 12.68
N VAL A 207 5.52 3.32 13.88
CA VAL A 207 4.16 3.71 14.23
C VAL A 207 4.00 5.22 14.16
N ALA A 208 4.98 5.96 14.67
CA ALA A 208 4.94 7.41 14.68
C ALA A 208 5.01 7.99 13.26
N THR A 209 5.86 7.40 12.42
CA THR A 209 6.03 7.87 11.05
C THR A 209 4.76 7.69 10.22
N ILE A 210 4.19 6.48 10.23
CA ILE A 210 2.96 6.17 9.53
C ILE A 210 1.79 6.92 10.13
N GLY A 211 1.75 6.92 11.46
CA GLY A 211 0.67 7.52 12.24
C GLY A 211 0.50 8.99 11.97
N GLU A 212 1.62 9.71 11.97
CA GLU A 212 1.63 11.15 11.65
C GLU A 212 1.13 11.41 10.23
N ALA A 213 1.57 10.58 9.28
CA ALA A 213 1.17 10.75 7.89
C ALA A 213 -0.33 10.47 7.70
N VAL A 214 -0.84 9.39 8.29
CA VAL A 214 -2.29 9.05 8.21
C VAL A 214 -3.12 10.18 8.80
N MET A 215 -2.68 10.68 9.95
CA MET A 215 -3.28 11.84 10.59
C MET A 215 -2.90 13.10 9.82
N HIS A 237 9.00 17.57 5.22
CA HIS A 237 8.56 16.49 6.11
C HIS A 237 9.40 15.21 5.98
N LEU A 238 10.40 15.23 5.11
CA LEU A 238 11.26 14.07 4.90
C LEU A 238 12.67 14.33 5.39
N TYR A 239 13.24 13.33 6.06
CA TYR A 239 14.59 13.44 6.59
C TYR A 239 15.64 12.94 5.60
N VAL A 240 15.34 11.80 4.95
CA VAL A 240 16.35 11.15 4.11
C VAL A 240 15.90 10.81 2.68
N TYR A 241 14.62 10.48 2.51
CA TYR A 241 14.18 9.95 1.22
C TYR A 241 14.29 11.00 0.13
N GLY A 242 15.03 10.66 -0.93
CA GLY A 242 15.27 11.57 -2.07
C GLY A 242 16.23 12.69 -1.81
N ARG A 243 16.84 12.70 -0.62
CA ARG A 243 17.65 13.85 -0.19
C ARG A 243 19.16 13.62 -0.32
N GLN A 244 19.59 12.57 -1.03
CA GLN A 244 21.01 12.29 -1.26
C GLN A 244 21.80 13.53 -1.71
N GLY A 245 22.98 13.73 -1.14
CA GLY A 245 23.80 14.91 -1.43
C GLY A 245 23.45 16.16 -0.65
N ASN A 246 22.32 16.14 0.05
CA ASN A 246 21.89 17.27 0.86
C ASN A 246 22.19 17.01 2.34
N PRO A 247 22.36 18.09 3.14
CA PRO A 247 22.68 17.94 4.57
C PRO A 247 21.54 17.29 5.33
N CYS A 248 21.89 16.39 6.25
CA CYS A 248 20.99 15.85 7.22
C CYS A 248 20.37 17.01 8.03
N LYS A 249 19.05 16.97 8.17
CA LYS A 249 18.31 17.95 8.95
C LYS A 249 18.63 17.95 10.45
N ARG A 250 19.20 16.83 10.92
N ARG A 250 19.19 16.86 10.97
CA ARG A 250 19.52 16.65 12.33
CA ARG A 250 19.53 16.84 12.39
C ARG A 250 20.99 16.95 12.68
C ARG A 250 21.03 16.95 12.71
N CYS A 251 21.91 16.57 11.79
CA CYS A 251 23.35 16.73 12.05
C CYS A 251 24.16 17.43 10.96
N GLY A 252 23.55 17.67 9.79
CA GLY A 252 24.25 18.37 8.68
C GLY A 252 25.16 17.52 7.79
N THR A 253 25.39 16.25 8.15
CA THR A 253 26.15 15.29 7.32
C THR A 253 25.38 15.00 6.04
N PRO A 254 26.08 14.95 4.88
CA PRO A 254 25.34 14.71 3.66
C PRO A 254 24.65 13.34 3.67
N ILE A 255 23.40 13.32 3.22
CA ILE A 255 22.64 12.09 3.14
C ILE A 255 23.24 11.24 2.01
N GLU A 256 23.31 9.92 2.21
CA GLU A 256 23.85 9.03 1.19
C GLU A 256 22.77 8.09 0.63
N LYS A 257 22.99 7.59 -0.58
CA LYS A 257 22.08 6.65 -1.22
C LYS A 257 22.87 5.44 -1.70
N THR A 258 22.34 4.25 -1.44
CA THR A 258 22.93 3.01 -1.93
C THR A 258 21.77 2.10 -2.37
N VAL A 259 22.07 0.86 -2.70
CA VAL A 259 21.04 -0.13 -2.98
C VAL A 259 21.07 -1.16 -1.85
N VAL A 260 19.94 -1.32 -1.18
CA VAL A 260 19.75 -2.33 -0.13
C VAL A 260 18.42 -3.01 -0.41
N ALA A 261 18.39 -4.34 -0.33
CA ALA A 261 17.20 -5.14 -0.64
C ALA A 261 16.63 -4.86 -2.04
N GLY A 262 17.51 -4.55 -3.00
CA GLY A 262 17.10 -4.27 -4.36
C GLY A 262 16.45 -2.91 -4.57
N ARG A 263 16.52 -2.03 -3.56
CA ARG A 263 15.84 -0.72 -3.60
C ARG A 263 16.79 0.47 -3.37
N GLY A 264 16.42 1.61 -3.96
CA GLY A 264 17.02 2.92 -3.59
C GLY A 264 16.84 3.12 -2.10
N THR A 265 17.96 3.36 -1.42
CA THR A 265 18.02 3.36 0.04
C THR A 265 18.84 4.57 0.52
N HIS A 266 18.21 5.40 1.35
CA HIS A 266 18.72 6.68 1.79
C HIS A 266 18.92 6.65 3.30
N TYR A 267 20.03 7.23 3.74
CA TYR A 267 20.41 7.20 5.15
C TYR A 267 21.44 8.30 5.46
N CYS A 268 21.48 8.72 6.72
CA CYS A 268 22.56 9.53 7.25
C CYS A 268 23.61 8.63 7.89
N PRO A 269 24.86 8.67 7.39
CA PRO A 269 25.86 7.77 7.98
C PRO A 269 26.34 8.14 9.40
N ARG A 270 25.93 9.29 9.91
CA ARG A 270 26.26 9.65 11.30
C ARG A 270 25.11 9.30 12.27
N CYS A 271 23.89 9.70 11.91
CA CYS A 271 22.72 9.48 12.77
C CYS A 271 22.36 8.01 12.86
N GLN A 272 22.63 7.25 11.81
CA GLN A 272 22.24 5.85 11.79
C GLN A 272 23.44 4.96 11.97
N ARG A 273 23.32 3.93 12.80
CA ARG A 273 24.37 2.93 12.96
C ARG A 273 23.89 1.47 13.11
P 8OG C 8 13.57 2.62 -6.44
OP1 8OG C 8 14.20 3.95 -6.43
OP2 8OG C 8 14.29 1.43 -5.94
O5' 8OG C 8 12.12 2.75 -5.73
C5' 8OG C 8 11.42 1.57 -5.42
C4' 8OG C 8 9.95 1.72 -5.73
O4' 8OG C 8 9.72 1.75 -7.16
C3' 8OG C 8 9.13 0.57 -5.15
O3' 8OG C 8 8.48 1.11 -4.00
C2' 8OG C 8 8.16 0.13 -6.26
C1' 8OG C 8 8.73 0.78 -7.52
N9 8OG C 8 9.32 -0.18 -8.46
C8 8OG C 8 10.28 -1.13 -8.21
N7 8OG C 8 10.55 -1.76 -9.31
C5 8OG C 8 9.78 -1.24 -10.34
C6 8OG C 8 9.66 -1.57 -11.70
O6 8OG C 8 10.28 -2.44 -12.32
N1 8OG C 8 8.74 -0.75 -12.37
C2 8OG C 8 8.01 0.24 -11.77
N2 8OG C 8 7.16 0.94 -12.55
N3 8OG C 8 8.10 0.53 -10.48
C4 8OG C 8 8.99 -0.25 -9.81
O8 8OG C 8 10.79 -1.35 -7.11
ZN ZN D . 22.37 12.96 10.51
#